data_2NV7
#
_entry.id   2NV7
#
_cell.length_a   52.130
_cell.length_b   88.676
_cell.length_c   100.459
_cell.angle_alpha   90.00
_cell.angle_beta   90.00
_cell.angle_gamma   90.00
#
_symmetry.space_group_name_H-M   'P 21 21 21'
#
loop_
_entity.id
_entity.type
_entity.pdbx_description
1 polymer 'Estrogen receptor beta'
2 polymer 'Nuclear receptor coactivator 1'
3 non-polymer '4-(4-HYDROXYPHENYL)-1-NAPHTHALDEHYDE OXIME'
4 water water
#
loop_
_entity_poly.entity_id
_entity_poly.type
_entity_poly.pdbx_seq_one_letter_code
_entity_poly.pdbx_strand_id
1 'polypeptide(L)'
;LSPEQLVLTLLEAEPPHVLISRPSAPFTEASMMMSLTKLADKELVHMISWAKKIPGFVELSLFDQVRLLESCWMEVLMMG
LMWRSIDHPGKLIFAPDLVLDRDEGKCVEGILEIFDMLLATTSRFRELKLQHKEYLCVKAMILLNSSMYPLVTATQDADS
SRKLAHLLNAVTDALVWVIAKSGISSQQQSMRLANLLMLLSHVRHASNKGMEHLLNMKCKNVVPVYDLLLEMLNAHVL
;
A,B
2 'polypeptide(L)' HKLVQLLTTT C,D
#
# COMPACT_ATOMS: atom_id res chain seq x y z
N LEU A 1 18.53 -20.83 10.74
CA LEU A 1 17.97 -21.24 9.41
C LEU A 1 18.42 -20.26 8.31
N SER A 2 19.13 -20.75 7.30
CA SER A 2 19.61 -19.89 6.20
C SER A 2 18.45 -19.34 5.37
N PRO A 3 18.70 -18.27 4.59
CA PRO A 3 17.68 -17.66 3.74
C PRO A 3 17.21 -18.70 2.74
N GLU A 4 18.15 -19.49 2.24
CA GLU A 4 17.81 -20.54 1.31
C GLU A 4 16.83 -21.57 1.86
N GLN A 5 17.03 -22.00 3.10
CA GLN A 5 16.14 -23.01 3.65
C GLN A 5 14.84 -22.42 4.16
N LEU A 6 14.84 -21.11 4.41
CA LEU A 6 13.61 -20.46 4.84
C LEU A 6 12.75 -20.41 3.57
N VAL A 7 13.37 -20.08 2.44
CA VAL A 7 12.62 -20.02 1.19
C VAL A 7 12.08 -21.41 0.88
N LEU A 8 12.84 -22.45 1.22
CA LEU A 8 12.38 -23.81 1.00
C LEU A 8 11.12 -24.05 1.81
N THR A 9 11.07 -23.54 3.03
CA THR A 9 9.86 -23.76 3.82
C THR A 9 8.66 -23.04 3.20
N LEU A 10 8.88 -21.87 2.60
CA LEU A 10 7.77 -21.15 1.97
C LEU A 10 7.31 -21.99 0.78
N LEU A 11 8.27 -22.56 0.04
CA LEU A 11 7.90 -23.40 -1.09
C LEU A 11 7.00 -24.53 -0.55
N GLU A 12 7.40 -25.14 0.55
CA GLU A 12 6.64 -26.24 1.13
C GLU A 12 5.28 -25.81 1.71
N ALA A 13 5.12 -24.54 2.05
CA ALA A 13 3.87 -24.05 2.60
C ALA A 13 2.83 -23.74 1.51
N GLU A 14 3.32 -23.66 0.27
CA GLU A 14 2.47 -23.35 -0.88
C GLU A 14 1.19 -24.15 -0.92
N PRO A 15 0.04 -23.48 -1.06
CA PRO A 15 -1.25 -24.15 -1.14
C PRO A 15 -1.40 -24.92 -2.45
N PRO A 16 -2.24 -25.97 -2.45
CA PRO A 16 -2.44 -26.76 -3.67
C PRO A 16 -3.12 -25.95 -4.76
N HIS A 17 -3.13 -26.49 -5.98
CA HIS A 17 -3.77 -25.86 -7.11
C HIS A 17 -5.25 -26.08 -6.85
N VAL A 18 -6.05 -25.02 -6.99
CA VAL A 18 -7.49 -25.11 -6.75
C VAL A 18 -8.33 -24.91 -8.00
N LEU A 19 -9.37 -25.75 -8.14
CA LEU A 19 -10.28 -25.66 -9.26
C LEU A 19 -11.67 -25.46 -8.66
N ILE A 20 -12.60 -24.89 -9.42
CA ILE A 20 -13.94 -24.71 -8.88
C ILE A 20 -14.90 -25.82 -9.36
N SER A 21 -14.37 -26.72 -10.18
CA SER A 21 -15.16 -27.84 -10.72
C SER A 21 -16.33 -27.38 -11.57
N ARG A 22 -16.03 -26.48 -12.51
CA ARG A 22 -17.04 -25.90 -13.40
C ARG A 22 -16.90 -26.32 -14.86
N PRO A 23 -17.97 -26.86 -15.45
CA PRO A 23 -17.98 -27.29 -16.86
C PRO A 23 -17.82 -26.06 -17.76
N SER A 24 -16.80 -26.06 -18.62
CA SER A 24 -16.57 -24.95 -19.53
C SER A 24 -17.88 -24.36 -20.02
N ALA A 25 -17.98 -23.04 -19.95
CA ALA A 25 -19.21 -22.35 -20.34
C ALA A 25 -19.05 -20.85 -20.36
N PRO A 26 -19.68 -20.19 -21.35
CA PRO A 26 -19.61 -18.74 -21.46
C PRO A 26 -19.99 -18.19 -20.10
N PHE A 27 -19.28 -17.18 -19.64
CA PHE A 27 -19.59 -16.60 -18.34
C PHE A 27 -20.59 -15.47 -18.46
N THR A 28 -21.48 -15.38 -17.48
CA THR A 28 -22.48 -14.33 -17.43
C THR A 28 -22.26 -13.60 -16.11
N GLU A 29 -23.04 -12.56 -15.86
CA GLU A 29 -22.90 -11.79 -14.63
C GLU A 29 -23.01 -12.70 -13.40
N ALA A 30 -24.03 -13.54 -13.36
CA ALA A 30 -24.25 -14.43 -12.23
C ALA A 30 -23.20 -15.54 -12.05
N SER A 31 -22.88 -16.27 -13.12
CA SER A 31 -21.89 -17.34 -13.00
C SER A 31 -20.49 -16.82 -12.72
N MET A 32 -20.09 -15.73 -13.36
CA MET A 32 -18.75 -15.21 -13.11
C MET A 32 -18.59 -14.87 -11.62
N MET A 33 -19.45 -14.01 -11.11
CA MET A 33 -19.35 -13.60 -9.71
C MET A 33 -19.53 -14.73 -8.71
N MET A 34 -20.40 -15.70 -8.98
CA MET A 34 -20.56 -16.79 -8.03
C MET A 34 -19.26 -17.63 -8.06
N SER A 35 -18.65 -17.71 -9.23
CA SER A 35 -17.40 -18.44 -9.41
C SER A 35 -16.24 -17.79 -8.67
N LEU A 36 -16.13 -16.47 -8.76
CA LEU A 36 -15.08 -15.75 -8.06
C LEU A 36 -15.22 -15.91 -6.53
N THR A 37 -16.42 -15.76 -5.99
CA THR A 37 -16.62 -15.91 -4.54
C THR A 37 -16.42 -17.37 -4.11
N LYS A 38 -16.93 -18.31 -4.88
CA LYS A 38 -16.76 -19.71 -4.54
C LYS A 38 -15.27 -20.07 -4.50
N LEU A 39 -14.48 -19.53 -5.44
CA LEU A 39 -13.03 -19.78 -5.48
C LEU A 39 -12.32 -19.14 -4.30
N ALA A 40 -12.65 -17.88 -4.01
CA ALA A 40 -12.02 -17.17 -2.90
C ALA A 40 -12.27 -17.90 -1.57
N ASP A 41 -13.47 -18.45 -1.38
CA ASP A 41 -13.76 -19.18 -0.15
C ASP A 41 -12.86 -20.41 -0.05
N LYS A 42 -12.71 -21.16 -1.14
CA LYS A 42 -11.83 -22.34 -1.12
C LYS A 42 -10.37 -21.96 -0.89
N GLU A 43 -9.93 -20.89 -1.54
CA GLU A 43 -8.54 -20.44 -1.40
C GLU A 43 -8.23 -19.95 0.01
N LEU A 44 -9.25 -19.38 0.66
CA LEU A 44 -9.09 -18.90 2.03
C LEU A 44 -8.78 -20.05 2.98
N VAL A 45 -9.44 -21.18 2.78
CA VAL A 45 -9.19 -22.33 3.63
C VAL A 45 -7.72 -22.75 3.50
N HIS A 46 -7.23 -22.84 2.27
CA HIS A 46 -5.83 -23.21 2.03
C HIS A 46 -4.87 -22.10 2.50
N MET A 47 -5.31 -20.86 2.41
CA MET A 47 -4.46 -19.75 2.86
C MET A 47 -4.14 -19.89 4.34
N ILE A 48 -5.13 -20.31 5.13
CA ILE A 48 -4.93 -20.48 6.57
C ILE A 48 -3.85 -21.53 6.84
N SER A 49 -3.96 -22.67 6.15
CA SER A 49 -2.98 -23.77 6.29
C SER A 49 -1.59 -23.33 5.84
N TRP A 50 -1.55 -22.50 4.80
CA TRP A 50 -0.29 -21.97 4.29
C TRP A 50 0.42 -21.15 5.38
N ALA A 51 -0.30 -20.17 5.95
CA ALA A 51 0.25 -19.30 6.97
C ALA A 51 0.80 -20.06 8.16
N LYS A 52 0.10 -21.13 8.55
CA LYS A 52 0.54 -21.92 9.69
C LYS A 52 1.83 -22.67 9.39
N LYS A 53 2.14 -22.79 8.10
CA LYS A 53 3.36 -23.49 7.71
C LYS A 53 4.56 -22.55 7.64
N ILE A 54 4.31 -21.25 7.78
CA ILE A 54 5.41 -20.30 7.77
C ILE A 54 6.06 -20.44 9.14
N PRO A 55 7.35 -20.83 9.17
CA PRO A 55 8.05 -21.00 10.46
C PRO A 55 7.78 -19.84 11.42
N GLY A 56 7.35 -20.18 12.63
CA GLY A 56 7.09 -19.18 13.64
C GLY A 56 5.71 -18.53 13.64
N PHE A 57 4.95 -18.64 12.56
CA PHE A 57 3.62 -17.99 12.55
C PHE A 57 2.72 -18.49 13.68
N VAL A 58 2.70 -19.80 13.91
CA VAL A 58 1.84 -20.35 14.95
C VAL A 58 2.29 -20.01 16.36
N GLU A 59 3.51 -19.46 16.49
CA GLU A 59 4.06 -19.06 17.78
C GLU A 59 3.61 -17.66 18.14
N LEU A 60 2.97 -16.98 17.18
CA LEU A 60 2.46 -15.65 17.46
C LEU A 60 1.20 -15.87 18.31
N SER A 61 0.77 -14.83 19.01
CA SER A 61 -0.45 -14.95 19.82
C SER A 61 -1.58 -15.20 18.81
N LEU A 62 -2.61 -15.90 19.25
CA LEU A 62 -3.76 -16.19 18.39
C LEU A 62 -4.32 -14.89 17.84
N PHE A 63 -4.42 -13.88 18.70
CA PHE A 63 -4.93 -12.57 18.31
C PHE A 63 -4.15 -11.95 17.16
N ASP A 64 -2.82 -12.10 17.17
CA ASP A 64 -2.02 -11.55 16.09
C ASP A 64 -2.23 -12.36 14.80
N GLN A 65 -2.23 -13.69 14.93
CA GLN A 65 -2.45 -14.57 13.78
C GLN A 65 -3.74 -14.19 13.06
N VAL A 66 -4.83 -14.09 13.83
CA VAL A 66 -6.15 -13.73 13.33
C VAL A 66 -6.13 -12.33 12.68
N ARG A 67 -5.53 -11.37 13.38
CA ARG A 67 -5.45 -10.00 12.91
C ARG A 67 -4.67 -9.87 11.59
N LEU A 68 -3.56 -10.60 11.46
CA LEU A 68 -2.75 -10.55 10.23
C LEU A 68 -3.53 -11.11 9.05
N LEU A 69 -4.17 -12.26 9.23
CA LEU A 69 -4.94 -12.87 8.14
C LEU A 69 -6.23 -12.08 7.81
N GLU A 70 -6.87 -11.47 8.80
CA GLU A 70 -8.09 -10.72 8.49
C GLU A 70 -7.79 -9.45 7.71
N SER A 71 -6.59 -8.92 7.86
CA SER A 71 -6.28 -7.70 7.11
C SER A 71 -5.67 -7.90 5.72
N CYS A 72 -4.88 -8.95 5.54
CA CYS A 72 -4.20 -9.16 4.26
C CYS A 72 -4.79 -10.18 3.30
N TRP A 73 -5.86 -10.89 3.69
CA TRP A 73 -6.34 -11.95 2.82
C TRP A 73 -6.60 -11.60 1.35
N MET A 74 -7.30 -10.50 1.07
CA MET A 74 -7.54 -10.20 -0.34
C MET A 74 -6.24 -9.89 -1.07
N GLU A 75 -5.29 -9.23 -0.40
CA GLU A 75 -4.00 -8.95 -1.07
C GLU A 75 -3.25 -10.24 -1.38
N VAL A 76 -3.26 -11.20 -0.44
CA VAL A 76 -2.58 -12.46 -0.67
C VAL A 76 -3.26 -13.21 -1.83
N LEU A 77 -4.59 -13.16 -1.88
CA LEU A 77 -5.31 -13.82 -2.98
C LEU A 77 -4.92 -13.18 -4.31
N MET A 78 -4.90 -11.85 -4.37
CA MET A 78 -4.54 -11.19 -5.63
C MET A 78 -3.09 -11.39 -6.04
N MET A 79 -2.18 -11.45 -5.07
CA MET A 79 -0.77 -11.69 -5.39
C MET A 79 -0.66 -13.09 -6.02
N GLY A 80 -1.40 -14.04 -5.48
CA GLY A 80 -1.36 -15.39 -6.02
C GLY A 80 -1.90 -15.42 -7.44
N LEU A 81 -2.96 -14.66 -7.65
CA LEU A 81 -3.59 -14.57 -8.98
C LEU A 81 -2.59 -14.01 -10.00
N MET A 82 -1.88 -12.96 -9.60
CA MET A 82 -0.90 -12.34 -10.50
C MET A 82 0.21 -13.33 -10.89
N TRP A 83 0.71 -14.09 -9.91
CA TRP A 83 1.75 -15.07 -10.21
C TRP A 83 1.24 -16.11 -11.21
N ARG A 84 0.01 -16.58 -10.98
CA ARG A 84 -0.60 -17.58 -11.86
C ARG A 84 -0.83 -17.04 -13.28
N SER A 85 -1.08 -15.75 -13.39
CA SER A 85 -1.34 -15.13 -14.69
C SER A 85 -0.11 -14.56 -15.40
N ILE A 86 1.04 -14.57 -14.73
CA ILE A 86 2.22 -13.96 -15.30
C ILE A 86 2.62 -14.43 -16.72
N ASP A 87 2.52 -15.73 -16.98
CA ASP A 87 2.87 -16.25 -18.30
C ASP A 87 1.68 -16.27 -19.27
N HIS A 88 0.61 -15.57 -18.94
CA HIS A 88 -0.57 -15.57 -19.81
C HIS A 88 -1.06 -14.16 -20.03
N PRO A 89 -0.29 -13.34 -20.75
CA PRO A 89 -0.69 -11.97 -21.01
C PRO A 89 -2.11 -11.78 -21.52
N GLY A 90 -2.78 -10.76 -20.97
CA GLY A 90 -4.15 -10.48 -21.35
C GLY A 90 -5.15 -11.32 -20.56
N LYS A 91 -4.65 -12.24 -19.76
CA LYS A 91 -5.56 -13.11 -19.02
C LYS A 91 -5.37 -13.10 -17.53
N LEU A 92 -6.45 -13.42 -16.82
CA LEU A 92 -6.40 -13.53 -15.37
C LEU A 92 -6.71 -15.00 -15.10
N ILE A 93 -5.70 -15.72 -14.66
CA ILE A 93 -5.83 -17.14 -14.40
C ILE A 93 -6.27 -17.40 -12.97
N PHE A 94 -7.57 -17.25 -12.72
CA PHE A 94 -8.06 -17.49 -11.37
C PHE A 94 -7.90 -18.97 -11.04
N ALA A 95 -8.19 -19.82 -12.03
CA ALA A 95 -8.06 -21.27 -11.91
C ALA A 95 -8.12 -21.89 -13.29
N PRO A 96 -7.78 -23.19 -13.40
CA PRO A 96 -7.82 -23.89 -14.69
C PRO A 96 -9.18 -23.74 -15.36
N ASP A 97 -10.26 -23.86 -14.58
CA ASP A 97 -11.62 -23.71 -15.11
C ASP A 97 -12.20 -22.31 -14.88
N LEU A 98 -11.33 -21.34 -14.65
CA LEU A 98 -11.78 -19.97 -14.46
C LEU A 98 -10.72 -19.01 -14.97
N VAL A 99 -10.70 -18.86 -16.29
CA VAL A 99 -9.76 -17.98 -16.98
C VAL A 99 -10.62 -16.87 -17.54
N LEU A 100 -10.34 -15.65 -17.12
CA LEU A 100 -11.12 -14.50 -17.53
C LEU A 100 -10.32 -13.39 -18.16
N ASP A 101 -10.99 -12.64 -19.03
CA ASP A 101 -10.35 -11.49 -19.63
C ASP A 101 -11.14 -10.22 -19.44
N ARG A 102 -10.77 -9.17 -20.17
CA ARG A 102 -11.41 -7.88 -20.07
C ARG A 102 -12.81 -7.58 -20.48
N ASP A 103 -13.18 -8.16 -21.60
CA ASP A 103 -14.49 -7.96 -22.14
C ASP A 103 -15.49 -8.74 -21.26
N GLU A 104 -14.98 -9.71 -20.49
CA GLU A 104 -15.85 -10.50 -19.62
C GLU A 104 -16.02 -9.76 -18.30
N GLY A 105 -15.10 -8.85 -17.99
CA GLY A 105 -15.21 -8.08 -16.77
C GLY A 105 -16.27 -7.02 -16.97
N LYS A 106 -16.49 -6.62 -18.24
CA LYS A 106 -17.48 -5.61 -18.61
C LYS A 106 -18.89 -6.00 -18.17
N CYS A 107 -19.16 -7.30 -18.16
CA CYS A 107 -20.47 -7.82 -17.80
C CYS A 107 -20.97 -7.50 -16.40
N VAL A 108 -20.09 -7.01 -15.54
CA VAL A 108 -20.51 -6.64 -14.18
C VAL A 108 -19.94 -5.28 -13.86
N GLU A 109 -20.82 -4.34 -13.54
CA GLU A 109 -20.42 -2.97 -13.22
C GLU A 109 -19.37 -2.92 -12.11
N GLY A 110 -18.30 -2.17 -12.36
CA GLY A 110 -17.22 -2.02 -11.39
C GLY A 110 -16.14 -3.11 -11.43
N ILE A 111 -16.36 -4.17 -12.18
CA ILE A 111 -15.38 -5.24 -12.26
C ILE A 111 -14.25 -4.93 -13.23
N LEU A 112 -14.59 -4.39 -14.40
CA LEU A 112 -13.59 -4.04 -15.40
C LEU A 112 -12.46 -3.20 -14.81
N GLU A 113 -12.80 -2.23 -13.97
CA GLU A 113 -11.79 -1.39 -13.34
C GLU A 113 -10.81 -2.25 -12.56
N ILE A 114 -11.33 -3.25 -11.84
CA ILE A 114 -10.48 -4.12 -11.05
C ILE A 114 -9.65 -5.06 -11.94
N PHE A 115 -10.25 -5.59 -13.00
CA PHE A 115 -9.51 -6.47 -13.90
C PHE A 115 -8.37 -5.70 -14.55
N ASP A 116 -8.65 -4.46 -14.96
CA ASP A 116 -7.60 -3.67 -15.58
C ASP A 116 -6.44 -3.46 -14.61
N MET A 117 -6.74 -3.14 -13.36
CA MET A 117 -5.69 -2.94 -12.34
C MET A 117 -4.87 -4.22 -12.15
N LEU A 118 -5.56 -5.35 -12.02
CA LEU A 118 -4.92 -6.64 -11.85
C LEU A 118 -4.03 -6.97 -13.05
N LEU A 119 -4.56 -6.75 -14.25
CA LEU A 119 -3.83 -7.01 -15.48
C LEU A 119 -2.58 -6.13 -15.62
N ALA A 120 -2.71 -4.86 -15.26
CA ALA A 120 -1.58 -3.95 -15.37
C ALA A 120 -0.48 -4.30 -14.36
N THR A 121 -0.85 -4.63 -13.13
CA THR A 121 0.17 -4.96 -12.14
C THR A 121 0.84 -6.28 -12.54
N THR A 122 0.05 -7.19 -13.11
CA THR A 122 0.59 -8.48 -13.56
C THR A 122 1.59 -8.20 -14.67
N SER A 123 1.24 -7.31 -15.59
CA SER A 123 2.13 -6.97 -16.68
C SER A 123 3.44 -6.40 -16.13
N ARG A 124 3.35 -5.60 -15.08
CA ARG A 124 4.55 -5.05 -14.47
C ARG A 124 5.43 -6.19 -13.94
N PHE A 125 4.85 -7.13 -13.20
CA PHE A 125 5.65 -8.23 -12.69
C PHE A 125 6.25 -9.03 -13.86
N ARG A 126 5.49 -9.16 -14.94
CA ARG A 126 5.95 -9.88 -16.12
C ARG A 126 7.18 -9.17 -16.72
N GLU A 127 7.14 -7.84 -16.82
CA GLU A 127 8.27 -7.08 -17.36
C GLU A 127 9.52 -7.23 -16.50
N LEU A 128 9.33 -7.33 -15.18
CA LEU A 128 10.45 -7.52 -14.27
C LEU A 128 10.86 -9.00 -14.24
N LYS A 129 10.09 -9.85 -14.90
CA LYS A 129 10.40 -11.27 -14.89
C LYS A 129 10.45 -11.81 -13.47
N LEU A 130 9.38 -11.58 -12.72
CA LEU A 130 9.29 -12.06 -11.33
C LEU A 130 9.62 -13.54 -11.27
N GLN A 131 10.48 -13.94 -10.34
CA GLN A 131 10.87 -15.33 -10.21
C GLN A 131 10.04 -16.01 -9.12
N HIS A 132 9.83 -17.32 -9.24
CA HIS A 132 9.02 -18.04 -8.26
C HIS A 132 9.44 -17.77 -6.80
N LYS A 133 10.74 -17.83 -6.53
CA LYS A 133 11.21 -17.59 -5.16
C LYS A 133 10.94 -16.17 -4.67
N GLU A 134 10.94 -15.20 -5.60
CA GLU A 134 10.66 -13.82 -5.25
C GLU A 134 9.18 -13.74 -4.85
N TYR A 135 8.33 -14.37 -5.65
CA TYR A 135 6.90 -14.39 -5.37
C TYR A 135 6.65 -15.01 -4.00
N LEU A 136 7.37 -16.08 -3.68
CA LEU A 136 7.17 -16.74 -2.38
C LEU A 136 7.44 -15.79 -1.22
N CYS A 137 8.55 -15.07 -1.30
CA CYS A 137 8.94 -14.12 -0.25
C CYS A 137 7.98 -12.94 -0.16
N VAL A 138 7.68 -12.32 -1.31
CA VAL A 138 6.76 -11.18 -1.35
C VAL A 138 5.39 -11.56 -0.74
N LYS A 139 4.86 -12.71 -1.13
CA LYS A 139 3.58 -13.14 -0.60
C LYS A 139 3.60 -13.26 0.92
N ALA A 140 4.69 -13.79 1.46
CA ALA A 140 4.82 -13.97 2.90
C ALA A 140 4.98 -12.63 3.59
N MET A 141 5.65 -11.69 2.91
CA MET A 141 5.84 -10.35 3.47
C MET A 141 4.53 -9.59 3.54
N ILE A 142 3.65 -9.80 2.56
CA ILE A 142 2.35 -9.12 2.57
C ILE A 142 1.62 -9.55 3.86
N LEU A 143 1.65 -10.84 4.15
CA LEU A 143 1.03 -11.35 5.37
C LEU A 143 1.66 -10.73 6.63
N LEU A 144 2.98 -10.83 6.75
CA LEU A 144 3.68 -10.35 7.95
C LEU A 144 3.82 -8.82 8.10
N ASN A 145 3.68 -8.09 7.01
CA ASN A 145 3.81 -6.64 7.08
C ASN A 145 2.43 -5.96 7.09
N SER A 146 1.36 -6.74 7.11
CA SER A 146 0.01 -6.17 7.10
C SER A 146 -0.43 -5.73 8.49
N SER A 147 0.49 -5.74 9.45
CA SER A 147 0.17 -5.32 10.81
C SER A 147 -0.18 -3.84 10.71
N MET A 148 -1.31 -3.40 11.26
CA MET A 148 -1.71 -1.99 11.16
C MET A 148 -2.17 -1.32 12.47
N ASP A 159 6.31 -9.20 23.15
CA ASP A 159 6.24 -10.63 23.42
C ASP A 159 5.95 -11.38 22.13
N SER A 160 4.84 -11.01 21.49
CA SER A 160 4.43 -11.63 20.24
C SER A 160 4.79 -10.65 19.11
N SER A 161 4.58 -9.36 19.37
CA SER A 161 4.88 -8.30 18.41
C SER A 161 6.35 -8.32 17.99
N ARG A 162 7.21 -8.59 18.97
CA ARG A 162 8.64 -8.67 18.84
C ARG A 162 8.99 -9.83 17.90
N LYS A 163 8.36 -10.97 18.15
CA LYS A 163 8.52 -12.20 17.38
C LYS A 163 8.07 -11.95 15.93
N LEU A 164 7.00 -11.16 15.76
CA LEU A 164 6.50 -10.85 14.43
C LEU A 164 7.58 -10.09 13.68
N ALA A 165 8.20 -9.11 14.33
CA ALA A 165 9.24 -8.31 13.70
C ALA A 165 10.45 -9.19 13.31
N HIS A 166 10.76 -10.18 14.14
CA HIS A 166 11.88 -11.08 13.85
C HIS A 166 11.56 -11.87 12.57
N LEU A 167 10.32 -12.35 12.50
CA LEU A 167 9.85 -13.13 11.38
C LEU A 167 9.80 -12.32 10.08
N LEU A 168 9.30 -11.09 10.15
CA LEU A 168 9.23 -10.25 8.97
C LEU A 168 10.66 -9.96 8.48
N ASN A 169 11.57 -9.67 9.41
CA ASN A 169 12.96 -9.41 9.04
C ASN A 169 13.57 -10.65 8.39
N ALA A 170 13.19 -11.83 8.85
CA ALA A 170 13.71 -13.07 8.29
C ALA A 170 13.23 -13.27 6.83
N VAL A 171 11.97 -13.02 6.57
CA VAL A 171 11.44 -13.15 5.21
C VAL A 171 12.07 -12.06 4.30
N THR A 172 12.34 -10.88 4.85
CA THR A 172 12.95 -9.79 4.08
C THR A 172 14.39 -10.21 3.72
N ASP A 173 15.13 -10.76 4.69
CA ASP A 173 16.48 -11.26 4.47
C ASP A 173 16.51 -12.31 3.37
N ALA A 174 15.45 -13.12 3.31
CA ALA A 174 15.34 -14.17 2.30
C ALA A 174 15.12 -13.61 0.90
N LEU A 175 14.27 -12.59 0.78
CA LEU A 175 14.02 -11.97 -0.53
C LEU A 175 15.32 -11.33 -1.06
N VAL A 176 16.07 -10.69 -0.17
CA VAL A 176 17.34 -10.05 -0.51
C VAL A 176 18.29 -11.14 -1.02
N TRP A 177 18.25 -12.30 -0.37
CA TRP A 177 19.11 -13.41 -0.76
C TRP A 177 18.70 -13.89 -2.16
N VAL A 178 17.40 -14.07 -2.37
CA VAL A 178 16.94 -14.53 -3.67
C VAL A 178 17.47 -13.62 -4.80
N ILE A 179 17.39 -12.32 -4.59
CA ILE A 179 17.85 -11.35 -5.59
C ILE A 179 19.37 -11.40 -5.80
N ALA A 180 20.12 -11.53 -4.72
CA ALA A 180 21.58 -11.54 -4.78
C ALA A 180 22.05 -12.75 -5.60
N LYS A 181 21.24 -13.80 -5.55
CA LYS A 181 21.46 -15.07 -6.21
C LYS A 181 21.31 -15.00 -7.72
N SER A 182 20.57 -14.00 -8.20
CA SER A 182 20.37 -13.87 -9.64
C SER A 182 21.66 -13.45 -10.35
N GLY A 183 22.67 -13.06 -9.56
CA GLY A 183 23.95 -12.65 -10.13
C GLY A 183 24.06 -11.28 -10.77
N ILE A 184 23.03 -10.43 -10.65
CA ILE A 184 23.13 -9.09 -11.25
C ILE A 184 23.94 -8.18 -10.34
N SER A 185 24.34 -7.03 -10.87
CA SER A 185 25.14 -6.08 -10.11
C SER A 185 24.43 -5.63 -8.84
N SER A 186 25.22 -5.18 -7.86
CA SER A 186 24.68 -4.71 -6.61
C SER A 186 23.71 -3.55 -6.81
N GLN A 187 24.02 -2.63 -7.70
CA GLN A 187 23.14 -1.49 -7.96
C GLN A 187 21.84 -2.03 -8.53
N GLN A 188 21.96 -3.01 -9.43
CA GLN A 188 20.78 -3.61 -10.04
C GLN A 188 19.95 -4.41 -9.03
N GLN A 189 20.61 -4.98 -8.02
CA GLN A 189 19.92 -5.75 -6.98
C GLN A 189 19.09 -4.84 -6.10
N SER A 190 19.64 -3.69 -5.73
CA SER A 190 18.91 -2.72 -4.91
C SER A 190 17.75 -2.18 -5.74
N MET A 191 18.02 -1.89 -7.01
CA MET A 191 16.99 -1.38 -7.89
C MET A 191 15.85 -2.41 -8.00
N ARG A 192 16.19 -3.68 -8.21
CA ARG A 192 15.15 -4.71 -8.31
C ARG A 192 14.36 -4.84 -7.00
N LEU A 193 15.08 -4.83 -5.87
CA LEU A 193 14.44 -4.92 -4.57
C LEU A 193 13.41 -3.81 -4.42
N ALA A 194 13.78 -2.59 -4.77
CA ALA A 194 12.87 -1.45 -4.67
C ALA A 194 11.68 -1.58 -5.63
N ASN A 195 11.91 -2.00 -6.86
CA ASN A 195 10.82 -2.12 -7.80
C ASN A 195 9.78 -3.14 -7.37
N LEU A 196 10.24 -4.28 -6.83
CA LEU A 196 9.32 -5.31 -6.39
C LEU A 196 8.51 -4.82 -5.19
N LEU A 197 9.19 -4.27 -4.21
CA LEU A 197 8.49 -3.79 -3.03
C LEU A 197 7.48 -2.70 -3.41
N MET A 198 7.85 -1.80 -4.32
CA MET A 198 6.91 -0.75 -4.68
C MET A 198 5.66 -1.27 -5.36
N LEU A 199 5.76 -2.39 -6.07
CA LEU A 199 4.58 -2.93 -6.72
C LEU A 199 3.55 -3.39 -5.69
N LEU A 200 3.98 -3.66 -4.47
CA LEU A 200 3.06 -4.10 -3.43
C LEU A 200 1.95 -3.08 -3.18
N SER A 201 2.27 -1.81 -3.38
CA SER A 201 1.27 -0.77 -3.19
C SER A 201 0.19 -0.92 -4.23
N HIS A 202 0.57 -1.42 -5.40
CA HIS A 202 -0.38 -1.59 -6.48
C HIS A 202 -1.25 -2.82 -6.23
N VAL A 203 -0.70 -3.84 -5.56
CA VAL A 203 -1.47 -5.03 -5.24
C VAL A 203 -2.45 -4.63 -4.15
N ARG A 204 -1.97 -3.83 -3.20
CA ARG A 204 -2.77 -3.38 -2.09
C ARG A 204 -3.94 -2.54 -2.61
N HIS A 205 -3.65 -1.69 -3.59
CA HIS A 205 -4.68 -0.84 -4.16
C HIS A 205 -5.80 -1.67 -4.82
N ALA A 206 -5.40 -2.68 -5.58
CA ALA A 206 -6.36 -3.54 -6.27
C ALA A 206 -7.18 -4.37 -5.30
N SER A 207 -6.55 -4.78 -4.19
CA SER A 207 -7.26 -5.57 -3.20
C SER A 207 -8.28 -4.69 -2.48
N ASN A 208 -7.90 -3.44 -2.19
CA ASN A 208 -8.83 -2.52 -1.53
C ASN A 208 -10.08 -2.32 -2.40
N LYS A 209 -9.91 -2.20 -3.71
CA LYS A 209 -11.08 -2.02 -4.56
C LYS A 209 -11.82 -3.36 -4.67
N GLY A 210 -11.08 -4.46 -4.54
CA GLY A 210 -11.69 -5.77 -4.61
C GLY A 210 -12.61 -6.03 -3.43
N MET A 211 -12.20 -5.57 -2.25
CA MET A 211 -12.98 -5.73 -1.02
C MET A 211 -14.22 -4.84 -1.02
N GLU A 212 -14.06 -3.63 -1.56
CA GLU A 212 -15.14 -2.66 -1.66
C GLU A 212 -16.26 -3.23 -2.52
N HIS A 213 -15.88 -3.85 -3.63
CA HIS A 213 -16.86 -4.44 -4.55
C HIS A 213 -17.57 -5.63 -3.91
N LEU A 214 -16.80 -6.49 -3.25
CA LEU A 214 -17.37 -7.66 -2.60
C LEU A 214 -18.34 -7.28 -1.50
N LEU A 215 -17.97 -6.30 -0.69
CA LEU A 215 -18.85 -5.86 0.38
C LEU A 215 -20.19 -5.40 -0.18
N ASN A 216 -20.17 -4.68 -1.30
CA ASN A 216 -21.40 -4.21 -1.91
C ASN A 216 -22.21 -5.40 -2.40
N MET A 217 -21.53 -6.41 -2.94
CA MET A 217 -22.24 -7.59 -3.41
C MET A 217 -22.85 -8.37 -2.26
N LYS A 218 -22.17 -8.38 -1.10
CA LYS A 218 -22.72 -9.07 0.07
C LYS A 218 -24.00 -8.35 0.47
N CYS A 219 -23.89 -7.04 0.68
CA CYS A 219 -25.01 -6.19 1.08
C CYS A 219 -26.21 -6.32 0.15
N LYS A 220 -25.96 -6.64 -1.11
CA LYS A 220 -27.04 -6.77 -2.09
C LYS A 220 -27.52 -8.21 -2.25
N ASN A 221 -26.81 -9.13 -1.59
CA ASN A 221 -27.12 -10.55 -1.65
C ASN A 221 -27.15 -11.08 -3.06
N VAL A 222 -26.27 -10.51 -3.89
CA VAL A 222 -26.14 -10.89 -5.29
C VAL A 222 -25.34 -12.16 -5.43
N VAL A 223 -24.44 -12.37 -4.47
CA VAL A 223 -23.59 -13.53 -4.46
C VAL A 223 -23.72 -14.30 -3.16
N PRO A 224 -23.72 -15.63 -3.22
CA PRO A 224 -23.84 -16.29 -1.93
C PRO A 224 -22.51 -16.03 -1.21
N VAL A 225 -22.49 -15.50 0.01
CA VAL A 225 -21.19 -15.36 0.65
C VAL A 225 -20.89 -16.42 1.68
N TYR A 226 -20.12 -17.33 1.16
CA TYR A 226 -19.58 -18.48 1.80
C TYR A 226 -19.15 -18.16 3.23
N ASP A 227 -19.52 -19.03 4.16
CA ASP A 227 -19.20 -18.87 5.58
C ASP A 227 -17.85 -18.22 5.93
N LEU A 228 -16.74 -18.81 5.50
CA LEU A 228 -15.42 -18.24 5.83
C LEU A 228 -15.14 -16.94 5.09
N LEU A 229 -15.58 -16.85 3.85
CA LEU A 229 -15.38 -15.63 3.08
C LEU A 229 -16.11 -14.49 3.78
N LEU A 230 -17.34 -14.76 4.20
CA LEU A 230 -18.17 -13.76 4.86
C LEU A 230 -17.54 -13.29 6.15
N GLU A 231 -17.06 -14.23 6.95
CA GLU A 231 -16.44 -13.86 8.21
C GLU A 231 -15.21 -13.00 7.97
N MET A 232 -14.38 -13.41 7.03
CA MET A 232 -13.15 -12.70 6.69
C MET A 232 -13.47 -11.31 6.16
N LEU A 233 -14.55 -11.21 5.40
CA LEU A 233 -14.97 -9.94 4.83
C LEU A 233 -15.46 -9.00 5.93
N ASN A 234 -16.37 -9.49 6.76
CA ASN A 234 -16.92 -8.69 7.85
C ASN A 234 -15.84 -8.27 8.84
N ALA A 235 -14.99 -9.23 9.22
CA ALA A 235 -13.93 -8.90 10.17
C ALA A 235 -13.03 -7.81 9.60
N HIS A 236 -12.59 -7.99 8.36
CA HIS A 236 -11.71 -7.01 7.71
C HIS A 236 -12.37 -5.65 7.65
N VAL A 237 -13.60 -5.60 7.14
CA VAL A 237 -14.33 -4.34 7.04
C VAL A 237 -14.46 -3.68 8.42
N LEU A 238 -14.91 -4.44 9.40
CA LEU A 238 -15.09 -3.93 10.75
C LEU A 238 -13.80 -3.31 11.32
N LEU B 1 21.36 13.69 -14.79
CA LEU B 1 21.28 14.19 -13.36
C LEU B 1 21.78 13.11 -12.41
N SER B 2 22.82 13.40 -11.66
CA SER B 2 23.37 12.41 -10.74
C SER B 2 22.46 12.27 -9.50
N PRO B 3 22.56 11.15 -8.77
CA PRO B 3 21.76 10.90 -7.58
C PRO B 3 21.87 12.05 -6.57
N GLU B 4 23.08 12.56 -6.35
CA GLU B 4 23.25 13.64 -5.41
C GLU B 4 22.55 14.92 -5.88
N GLN B 5 22.65 15.21 -7.17
CA GLN B 5 22.00 16.41 -7.70
C GLN B 5 20.49 16.29 -7.58
N LEU B 6 19.97 15.07 -7.70
CA LEU B 6 18.54 14.86 -7.58
C LEU B 6 18.16 15.07 -6.11
N VAL B 7 19.00 14.59 -5.20
CA VAL B 7 18.69 14.74 -3.78
C VAL B 7 18.70 16.22 -3.41
N LEU B 8 19.70 16.95 -3.88
CA LEU B 8 19.84 18.38 -3.62
C LEU B 8 18.65 19.12 -4.21
N THR B 9 18.21 18.70 -5.39
CA THR B 9 17.06 19.34 -6.03
C THR B 9 15.79 19.12 -5.18
N LEU B 10 15.62 17.93 -4.60
CA LEU B 10 14.45 17.66 -3.77
C LEU B 10 14.52 18.47 -2.46
N LEU B 11 15.72 18.61 -1.93
CA LEU B 11 15.95 19.34 -0.69
C LEU B 11 15.45 20.78 -0.86
N GLU B 12 15.88 21.41 -1.96
CA GLU B 12 15.49 22.78 -2.27
C GLU B 12 13.98 22.89 -2.46
N ALA B 13 13.39 21.89 -3.12
CA ALA B 13 11.95 21.86 -3.41
C ALA B 13 11.04 21.67 -2.21
N GLU B 14 11.59 21.20 -1.10
CA GLU B 14 10.79 20.98 0.10
C GLU B 14 9.88 22.18 0.34
N PRO B 15 8.57 21.95 0.51
CA PRO B 15 7.72 23.13 0.73
C PRO B 15 7.95 23.81 2.09
N PRO B 16 7.74 25.14 2.16
CA PRO B 16 7.93 25.85 3.42
C PRO B 16 6.80 25.41 4.34
N HIS B 17 6.96 25.49 5.66
CA HIS B 17 5.87 25.03 6.51
C HIS B 17 4.68 25.99 6.56
N VAL B 18 3.48 25.41 6.47
CA VAL B 18 2.26 26.21 6.51
C VAL B 18 1.93 26.49 7.96
N LEU B 19 1.63 27.75 8.24
CA LEU B 19 1.29 28.18 9.59
C LEU B 19 -0.21 28.19 9.76
N ILE B 20 -0.68 27.62 10.86
CA ILE B 20 -2.09 27.60 11.17
C ILE B 20 -2.20 27.71 12.69
N SER B 21 -3.11 28.55 13.16
CA SER B 21 -3.26 28.71 14.58
C SER B 21 -4.29 27.79 15.20
N ARG B 22 -4.01 27.37 16.42
CA ARG B 22 -4.87 26.51 17.19
C ARG B 22 -6.05 27.37 17.67
N PRO B 23 -7.28 26.86 17.56
CA PRO B 23 -8.43 27.66 18.01
C PRO B 23 -8.25 28.17 19.44
N SER B 24 -8.92 29.27 19.74
CA SER B 24 -8.85 29.86 21.08
C SER B 24 -9.42 28.94 22.15
N ALA B 25 -10.66 28.50 21.95
CA ALA B 25 -11.33 27.62 22.90
C ALA B 25 -10.87 26.17 22.70
N PRO B 26 -11.29 25.27 23.61
CA PRO B 26 -10.87 23.90 23.41
C PRO B 26 -11.53 23.34 22.14
N PHE B 27 -10.86 22.39 21.50
CA PHE B 27 -11.39 21.80 20.27
C PHE B 27 -12.77 21.21 20.36
N THR B 28 -13.53 21.39 19.28
CA THR B 28 -14.86 20.80 19.15
C THR B 28 -14.67 20.02 17.85
N GLU B 29 -15.58 19.09 17.55
CA GLU B 29 -15.46 18.30 16.34
C GLU B 29 -15.31 19.21 15.13
N ALA B 30 -16.07 20.31 15.13
CA ALA B 30 -16.02 21.26 14.03
C ALA B 30 -14.74 22.07 13.94
N SER B 31 -14.31 22.66 15.05
CA SER B 31 -13.10 23.46 15.03
C SER B 31 -11.87 22.61 14.68
N MET B 32 -11.88 21.35 15.08
CA MET B 32 -10.76 20.49 14.75
C MET B 32 -10.78 20.11 13.27
N MET B 33 -11.97 19.83 12.74
CA MET B 33 -12.10 19.46 11.33
C MET B 33 -11.80 20.67 10.48
N MET B 34 -12.16 21.85 10.96
CA MET B 34 -11.93 23.05 10.20
C MET B 34 -10.43 23.34 10.16
N SER B 35 -9.74 23.00 11.26
CA SER B 35 -8.32 23.22 11.35
C SER B 35 -7.53 22.27 10.44
N LEU B 36 -7.89 21.00 10.46
CA LEU B 36 -7.19 20.01 9.63
C LEU B 36 -7.46 20.21 8.16
N THR B 37 -8.69 20.55 7.80
CA THR B 37 -9.01 20.75 6.41
C THR B 37 -8.44 22.05 5.87
N LYS B 38 -8.41 23.10 6.70
CA LYS B 38 -7.86 24.38 6.23
C LYS B 38 -6.37 24.21 6.00
N LEU B 39 -5.73 23.43 6.84
CA LEU B 39 -4.30 23.20 6.70
C LEU B 39 -4.02 22.39 5.44
N ALA B 40 -4.72 21.26 5.29
CA ALA B 40 -4.55 20.40 4.14
C ALA B 40 -4.69 21.22 2.86
N ASP B 41 -5.76 21.99 2.74
CA ASP B 41 -5.97 22.81 1.55
C ASP B 41 -4.75 23.68 1.22
N LYS B 42 -4.18 24.33 2.25
CA LYS B 42 -3.01 25.19 2.08
C LYS B 42 -1.76 24.37 1.72
N GLU B 43 -1.63 23.19 2.32
CA GLU B 43 -0.48 22.35 2.03
C GLU B 43 -0.59 21.81 0.61
N LEU B 44 -1.81 21.56 0.15
CA LEU B 44 -2.02 21.06 -1.20
C LEU B 44 -1.47 22.04 -2.24
N VAL B 45 -1.67 23.34 -2.02
CA VAL B 45 -1.14 24.31 -2.98
C VAL B 45 0.38 24.21 -3.07
N HIS B 46 1.05 24.10 -1.93
CA HIS B 46 2.51 23.99 -1.94
C HIS B 46 2.94 22.65 -2.50
N MET B 47 2.09 21.63 -2.36
CA MET B 47 2.43 20.30 -2.87
C MET B 47 2.52 20.33 -4.39
N ILE B 48 1.59 21.02 -5.04
CA ILE B 48 1.62 21.12 -6.51
C ILE B 48 2.91 21.75 -6.98
N SER B 49 3.32 22.82 -6.32
CA SER B 49 4.58 23.50 -6.67
C SER B 49 5.75 22.54 -6.45
N TRP B 50 5.72 21.82 -5.33
CA TRP B 50 6.77 20.85 -5.03
C TRP B 50 6.87 19.79 -6.14
N ALA B 51 5.72 19.30 -6.57
CA ALA B 51 5.68 18.31 -7.62
C ALA B 51 6.34 18.79 -8.91
N LYS B 52 6.07 20.04 -9.29
CA LYS B 52 6.65 20.57 -10.51
C LYS B 52 8.18 20.68 -10.44
N LYS B 53 8.74 20.59 -9.23
CA LYS B 53 10.20 20.67 -9.08
C LYS B 53 10.87 19.31 -9.16
N ILE B 54 10.08 18.25 -9.05
CA ILE B 54 10.63 16.91 -9.15
C ILE B 54 11.08 16.76 -10.61
N PRO B 55 12.39 16.58 -10.83
CA PRO B 55 12.98 16.43 -12.17
C PRO B 55 12.20 15.48 -13.08
N GLY B 56 11.73 16.00 -14.21
CA GLY B 56 10.98 15.19 -15.15
C GLY B 56 9.47 15.17 -15.01
N PHE B 57 8.95 15.57 -13.85
CA PHE B 57 7.49 15.56 -13.62
C PHE B 57 6.69 16.40 -14.63
N VAL B 58 7.18 17.59 -14.94
CA VAL B 58 6.48 18.48 -15.87
C VAL B 58 6.57 18.00 -17.31
N GLU B 59 7.39 16.99 -17.55
CA GLU B 59 7.51 16.45 -18.89
C GLU B 59 6.46 15.37 -19.13
N LEU B 60 5.84 14.91 -18.05
CA LEU B 60 4.79 13.91 -18.16
C LEU B 60 3.57 14.61 -18.76
N SER B 61 2.65 13.85 -19.33
CA SER B 61 1.45 14.45 -19.90
C SER B 61 0.63 15.07 -18.76
N LEU B 62 -0.06 16.17 -19.05
CA LEU B 62 -0.85 16.83 -18.01
C LEU B 62 -1.80 15.86 -17.33
N PHE B 63 -2.37 14.97 -18.11
CA PHE B 63 -3.31 14.02 -17.56
C PHE B 63 -2.64 13.03 -16.63
N ASP B 64 -1.35 12.78 -16.84
CA ASP B 64 -0.63 11.88 -15.93
C ASP B 64 -0.32 12.61 -14.63
N GLN B 65 0.11 13.87 -14.74
CA GLN B 65 0.42 14.69 -13.57
C GLN B 65 -0.78 14.79 -12.65
N VAL B 66 -1.94 15.06 -13.24
CA VAL B 66 -3.18 15.20 -12.49
C VAL B 66 -3.53 13.87 -11.83
N ARG B 67 -3.41 12.79 -12.59
CA ARG B 67 -3.71 11.46 -12.10
C ARG B 67 -2.81 11.05 -10.91
N LEU B 68 -1.52 11.34 -11.00
CA LEU B 68 -0.57 10.99 -9.94
C LEU B 68 -0.92 11.74 -8.64
N LEU B 69 -1.11 13.05 -8.74
CA LEU B 69 -1.43 13.87 -7.59
C LEU B 69 -2.78 13.52 -6.97
N GLU B 70 -3.79 13.27 -7.80
CA GLU B 70 -5.11 12.92 -7.29
C GLU B 70 -5.05 11.62 -6.50
N SER B 71 -4.18 10.72 -6.91
CA SER B 71 -4.06 9.44 -6.25
C SER B 71 -3.26 9.42 -4.93
N CYS B 72 -2.22 10.22 -4.83
CA CYS B 72 -1.34 10.20 -3.65
C CYS B 72 -1.36 11.38 -2.69
N TRP B 73 -2.16 12.41 -2.94
CA TRP B 73 -2.11 13.59 -2.09
C TRP B 73 -2.20 13.36 -0.57
N MET B 74 -3.15 12.56 -0.11
CA MET B 74 -3.24 12.36 1.35
C MET B 74 -2.00 11.62 1.90
N GLU B 75 -1.50 10.65 1.14
CA GLU B 75 -0.32 9.88 1.53
C GLU B 75 0.89 10.82 1.62
N VAL B 76 1.03 11.70 0.63
CA VAL B 76 2.13 12.65 0.63
C VAL B 76 1.97 13.59 1.84
N LEU B 77 0.75 14.04 2.10
CA LEU B 77 0.50 14.91 3.25
C LEU B 77 0.83 14.21 4.57
N MET B 78 0.45 12.94 4.71
CA MET B 78 0.73 12.22 5.96
C MET B 78 2.20 11.86 6.15
N MET B 79 2.90 11.63 5.04
CA MET B 79 4.33 11.35 5.11
C MET B 79 5.00 12.61 5.71
N GLY B 80 4.62 13.78 5.18
CA GLY B 80 5.18 15.03 5.69
C GLY B 80 4.84 15.20 7.16
N LEU B 81 3.58 14.99 7.51
CA LEU B 81 3.13 15.10 8.89
C LEU B 81 4.00 14.27 9.83
N MET B 82 4.20 13.00 9.48
CA MET B 82 5.01 12.10 10.29
C MET B 82 6.47 12.55 10.39
N TRP B 83 7.01 13.11 9.31
CA TRP B 83 8.39 13.56 9.36
C TRP B 83 8.48 14.73 10.35
N ARG B 84 7.52 15.65 10.29
CA ARG B 84 7.53 16.79 11.20
C ARG B 84 7.36 16.38 12.64
N SER B 85 6.80 15.19 12.85
CA SER B 85 6.56 14.69 14.19
C SER B 85 7.64 13.74 14.67
N ILE B 86 8.59 13.45 13.80
CA ILE B 86 9.68 12.53 14.11
C ILE B 86 10.39 12.82 15.45
N ASP B 87 10.67 14.08 15.74
CA ASP B 87 11.38 14.44 16.97
C ASP B 87 10.53 15.00 18.11
N HIS B 88 9.24 14.66 18.12
CA HIS B 88 8.33 15.10 19.17
C HIS B 88 7.41 13.91 19.45
N PRO B 89 7.96 12.80 19.95
CA PRO B 89 7.22 11.57 20.27
C PRO B 89 5.92 11.77 21.06
N GLY B 90 4.92 10.94 20.75
CA GLY B 90 3.64 11.03 21.42
C GLY B 90 2.79 12.19 20.90
N LYS B 91 3.36 12.97 19.99
CA LYS B 91 2.66 14.14 19.44
C LYS B 91 2.65 14.17 17.90
N LEU B 92 1.67 14.87 17.33
CA LEU B 92 1.59 15.02 15.89
C LEU B 92 1.74 16.52 15.65
N ILE B 93 2.80 16.90 14.95
CA ILE B 93 3.07 18.30 14.68
C ILE B 93 2.48 18.72 13.34
N PHE B 94 1.20 19.07 13.33
CA PHE B 94 0.54 19.49 12.10
C PHE B 94 1.12 20.80 11.60
N ALA B 95 1.47 21.68 12.53
CA ALA B 95 2.07 22.97 12.22
C ALA B 95 2.65 23.51 13.50
N PRO B 96 3.55 24.50 13.39
CA PRO B 96 4.19 25.10 14.57
C PRO B 96 3.22 25.36 15.71
N ASP B 97 2.10 26.03 15.45
CA ASP B 97 1.15 26.31 16.52
C ASP B 97 -0.03 25.35 16.61
N LEU B 98 0.10 24.17 16.01
CA LEU B 98 -0.96 23.18 16.04
C LEU B 98 -0.32 21.83 16.29
N VAL B 99 -0.01 21.60 17.56
CA VAL B 99 0.62 20.37 18.00
C VAL B 99 -0.49 19.59 18.71
N LEU B 100 -1.02 18.58 18.03
CA LEU B 100 -2.11 17.79 18.59
C LEU B 100 -1.65 16.51 19.25
N ASP B 101 -2.26 16.23 20.38
CA ASP B 101 -1.93 15.04 21.15
C ASP B 101 -2.82 13.90 20.71
N ARG B 102 -2.35 12.68 20.94
CA ARG B 102 -3.10 11.49 20.58
C ARG B 102 -4.50 11.62 21.15
N ASP B 103 -4.57 12.03 22.41
CA ASP B 103 -5.84 12.18 23.11
C ASP B 103 -6.79 13.23 22.54
N GLU B 104 -6.27 14.34 22.00
CA GLU B 104 -7.15 15.39 21.45
C GLU B 104 -7.94 14.90 20.24
N GLY B 105 -7.71 13.66 19.82
CA GLY B 105 -8.43 13.11 18.70
C GLY B 105 -9.82 12.68 19.14
N LYS B 106 -10.02 12.61 20.45
CA LYS B 106 -11.31 12.20 21.03
C LYS B 106 -12.49 13.02 20.54
N CYS B 107 -12.31 14.34 20.43
CA CYS B 107 -13.40 15.21 20.01
C CYS B 107 -13.99 14.89 18.65
N VAL B 108 -13.24 14.21 17.79
CA VAL B 108 -13.77 13.84 16.48
C VAL B 108 -13.91 12.34 16.39
N GLU B 109 -15.14 11.88 16.33
CA GLU B 109 -15.39 10.45 16.26
C GLU B 109 -14.75 9.81 15.03
N GLY B 110 -13.84 8.88 15.28
CA GLY B 110 -13.16 8.19 14.19
C GLY B 110 -11.74 8.66 13.94
N ILE B 111 -11.39 9.82 14.49
CA ILE B 111 -10.06 10.39 14.31
C ILE B 111 -8.97 9.71 15.11
N LEU B 112 -9.28 9.40 16.37
CA LEU B 112 -8.31 8.79 17.27
C LEU B 112 -7.63 7.58 16.62
N GLU B 113 -8.42 6.78 15.92
CA GLU B 113 -7.88 5.60 15.23
C GLU B 113 -6.81 6.01 14.23
N ILE B 114 -7.05 7.12 13.53
CA ILE B 114 -6.10 7.62 12.54
C ILE B 114 -4.84 8.17 13.22
N PHE B 115 -5.04 8.93 14.30
CA PHE B 115 -3.92 9.50 15.04
C PHE B 115 -3.04 8.37 15.57
N ASP B 116 -3.68 7.30 16.04
CA ASP B 116 -2.93 6.16 16.56
C ASP B 116 -2.06 5.55 15.46
N MET B 117 -2.64 5.33 14.29
CA MET B 117 -1.90 4.75 13.17
C MET B 117 -0.70 5.63 12.83
N LEU B 118 -0.95 6.92 12.64
CA LEU B 118 0.09 7.88 12.28
C LEU B 118 1.20 7.89 13.31
N LEU B 119 0.82 7.90 14.59
CA LEU B 119 1.81 7.90 15.67
C LEU B 119 2.63 6.60 15.68
N ALA B 120 1.96 5.49 15.48
CA ALA B 120 2.65 4.21 15.48
C ALA B 120 3.64 4.20 14.31
N THR B 121 3.18 4.60 13.14
CA THR B 121 4.08 4.61 11.99
C THR B 121 5.23 5.58 12.22
N THR B 122 4.93 6.72 12.81
CA THR B 122 5.96 7.70 13.10
C THR B 122 6.99 7.04 14.01
N SER B 123 6.52 6.34 15.04
CA SER B 123 7.42 5.64 15.95
C SER B 123 8.35 4.71 15.18
N ARG B 124 7.80 4.01 14.20
CA ARG B 124 8.60 3.10 13.41
C ARG B 124 9.69 3.82 12.63
N PHE B 125 9.39 5.01 12.11
CA PHE B 125 10.41 5.75 11.37
C PHE B 125 11.47 6.21 12.38
N ARG B 126 11.03 6.56 13.58
CA ARG B 126 11.94 6.99 14.65
C ARG B 126 12.87 5.82 15.00
N GLU B 127 12.30 4.60 15.06
CA GLU B 127 13.07 3.38 15.37
C GLU B 127 14.14 3.11 14.32
N LEU B 128 13.78 3.32 13.05
CA LEU B 128 14.72 3.11 11.96
C LEU B 128 15.64 4.33 11.82
N LYS B 129 15.38 5.37 12.61
CA LYS B 129 16.18 6.59 12.53
C LYS B 129 16.21 7.14 11.08
N LEU B 130 15.02 7.38 10.52
CA LEU B 130 14.87 7.93 9.17
C LEU B 130 15.62 9.24 9.09
N GLN B 131 16.41 9.41 8.03
CA GLN B 131 17.16 10.64 7.86
C GLN B 131 16.47 11.55 6.84
N HIS B 132 16.70 12.85 6.99
CA HIS B 132 16.10 13.84 6.11
C HIS B 132 16.22 13.47 4.64
N LYS B 133 17.42 13.19 4.15
CA LYS B 133 17.58 12.85 2.74
C LYS B 133 16.88 11.56 2.28
N GLU B 134 16.65 10.62 3.21
CA GLU B 134 15.96 9.38 2.83
C GLU B 134 14.49 9.79 2.73
N TYR B 135 14.06 10.62 3.67
CA TYR B 135 12.69 11.14 3.69
C TYR B 135 12.36 11.87 2.36
N LEU B 136 13.25 12.73 1.89
CA LEU B 136 13.03 13.44 0.63
C LEU B 136 12.75 12.46 -0.53
N CYS B 137 13.59 11.43 -0.66
CA CYS B 137 13.43 10.44 -1.72
C CYS B 137 12.15 9.65 -1.61
N VAL B 138 11.86 9.15 -0.40
CA VAL B 138 10.64 8.39 -0.15
C VAL B 138 9.35 9.15 -0.49
N LYS B 139 9.28 10.43 -0.11
CA LYS B 139 8.08 11.21 -0.38
C LYS B 139 7.89 11.38 -1.88
N ALA B 140 8.98 11.57 -2.62
CA ALA B 140 8.87 11.72 -4.05
C ALA B 140 8.50 10.36 -4.67
N MET B 141 9.00 9.27 -4.10
CA MET B 141 8.66 7.96 -4.61
C MET B 141 7.17 7.67 -4.45
N ILE B 142 6.58 8.19 -3.38
CA ILE B 142 5.16 8.02 -3.14
C ILE B 142 4.39 8.61 -4.31
N LEU B 143 4.77 9.82 -4.70
CA LEU B 143 4.12 10.47 -5.83
C LEU B 143 4.35 9.71 -7.15
N LEU B 144 5.59 9.37 -7.47
CA LEU B 144 5.86 8.69 -8.73
C LEU B 144 5.36 7.25 -8.82
N ASN B 145 5.17 6.59 -7.68
CA ASN B 145 4.71 5.21 -7.66
C ASN B 145 3.18 5.13 -7.60
N SER B 146 2.50 6.28 -7.66
CA SER B 146 1.05 6.23 -7.61
C SER B 146 0.47 6.01 -9.01
N SER B 147 1.15 5.17 -9.80
CA SER B 147 0.72 4.84 -11.15
C SER B 147 -0.62 4.10 -11.00
N MET B 148 -1.45 4.66 -10.13
CA MET B 148 -2.79 4.18 -9.80
C MET B 148 -3.75 5.01 -10.65
N ASP B 159 4.99 7.68 -25.08
CA ASP B 159 5.38 6.83 -23.98
C ASP B 159 5.63 7.65 -22.73
N SER B 160 4.55 8.12 -22.12
CA SER B 160 4.65 8.91 -20.91
C SER B 160 4.83 7.96 -19.73
N SER B 161 4.40 6.70 -19.90
CA SER B 161 4.54 5.69 -18.85
C SER B 161 5.98 5.15 -18.82
N ARG B 162 6.68 5.22 -19.94
CA ARG B 162 8.06 4.78 -19.98
C ARG B 162 8.78 5.78 -19.11
N LYS B 163 8.48 7.05 -19.41
CA LYS B 163 9.03 8.19 -18.74
C LYS B 163 8.73 8.20 -17.25
N LEU B 164 7.57 7.69 -16.86
CA LEU B 164 7.22 7.64 -15.45
C LEU B 164 8.11 6.61 -14.76
N ALA B 165 8.24 5.45 -15.39
CA ALA B 165 9.09 4.38 -14.84
C ALA B 165 10.52 4.87 -14.69
N HIS B 166 10.96 5.65 -15.67
CA HIS B 166 12.32 6.20 -15.68
C HIS B 166 12.49 7.23 -14.57
N LEU B 167 11.46 8.02 -14.34
CA LEU B 167 11.53 9.03 -13.28
C LEU B 167 11.62 8.35 -11.90
N LEU B 168 10.79 7.33 -11.69
CA LEU B 168 10.79 6.61 -10.42
C LEU B 168 12.13 5.92 -10.17
N ASN B 169 12.69 5.34 -11.23
CA ASN B 169 13.98 4.66 -11.09
C ASN B 169 15.05 5.67 -10.69
N ALA B 170 14.97 6.89 -11.22
CA ALA B 170 15.93 7.93 -10.88
C ALA B 170 15.91 8.24 -9.39
N VAL B 171 14.72 8.45 -8.83
CA VAL B 171 14.61 8.75 -7.41
C VAL B 171 14.99 7.53 -6.55
N THR B 172 14.64 6.35 -7.01
CA THR B 172 14.98 5.11 -6.30
C THR B 172 16.50 5.08 -6.21
N ASP B 173 17.12 5.40 -7.34
CA ASP B 173 18.57 5.44 -7.48
C ASP B 173 19.18 6.38 -6.43
N ALA B 174 18.56 7.55 -6.24
CA ALA B 174 19.06 8.50 -5.27
C ALA B 174 18.89 8.00 -3.85
N LEU B 175 17.84 7.24 -3.58
CA LEU B 175 17.64 6.72 -2.21
C LEU B 175 18.72 5.70 -1.90
N VAL B 176 19.07 4.90 -2.90
CA VAL B 176 20.12 3.90 -2.73
C VAL B 176 21.44 4.61 -2.45
N TRP B 177 21.66 5.71 -3.18
CA TRP B 177 22.87 6.51 -3.00
C TRP B 177 22.96 7.08 -1.58
N VAL B 178 21.84 7.62 -1.09
CA VAL B 178 21.81 8.18 0.26
C VAL B 178 22.12 7.12 1.30
N ILE B 179 21.52 5.94 1.13
CA ILE B 179 21.73 4.85 2.07
C ILE B 179 23.19 4.38 2.02
N ALA B 180 23.77 4.32 0.84
CA ALA B 180 25.16 3.89 0.69
C ALA B 180 26.09 4.87 1.39
N LYS B 181 25.64 6.12 1.47
CA LYS B 181 26.38 7.21 2.09
C LYS B 181 26.40 7.11 3.61
N SER B 182 25.57 6.24 4.16
CA SER B 182 25.56 6.07 5.62
C SER B 182 26.73 5.20 6.05
N GLY B 183 27.32 4.50 5.08
CA GLY B 183 28.45 3.64 5.38
C GLY B 183 28.21 2.20 5.79
N ILE B 184 26.99 1.83 6.18
CA ILE B 184 26.70 0.45 6.59
C ILE B 184 27.04 -0.55 5.48
N SER B 185 27.17 -1.81 5.87
CA SER B 185 27.53 -2.88 4.94
C SER B 185 26.51 -3.02 3.82
N SER B 186 26.94 -3.58 2.70
CA SER B 186 26.07 -3.78 1.58
C SER B 186 24.81 -4.56 1.96
N GLN B 187 24.96 -5.60 2.78
CA GLN B 187 23.81 -6.40 3.18
C GLN B 187 22.83 -5.53 3.96
N GLN B 188 23.36 -4.71 4.86
CA GLN B 188 22.55 -3.82 5.66
C GLN B 188 21.93 -2.70 4.83
N GLN B 189 22.58 -2.33 3.75
CA GLN B 189 22.03 -1.30 2.91
C GLN B 189 20.79 -1.86 2.25
N SER B 190 20.85 -3.13 1.84
CA SER B 190 19.71 -3.75 1.19
C SER B 190 18.57 -3.90 2.20
N MET B 191 18.92 -4.30 3.42
CA MET B 191 17.89 -4.45 4.44
C MET B 191 17.24 -3.13 4.84
N ARG B 192 18.00 -2.04 4.85
CA ARG B 192 17.42 -0.75 5.23
C ARG B 192 16.49 -0.26 4.12
N LEU B 193 16.88 -0.49 2.86
CA LEU B 193 16.04 -0.08 1.75
C LEU B 193 14.71 -0.80 1.88
N ALA B 194 14.76 -2.10 2.11
CA ALA B 194 13.53 -2.88 2.26
C ALA B 194 12.70 -2.37 3.43
N ASN B 195 13.34 -2.18 4.58
CA ASN B 195 12.62 -1.74 5.76
C ASN B 195 11.93 -0.41 5.54
N LEU B 196 12.57 0.50 4.80
CA LEU B 196 11.99 1.80 4.52
C LEU B 196 10.78 1.72 3.59
N LEU B 197 10.91 0.97 2.51
CA LEU B 197 9.82 0.85 1.56
C LEU B 197 8.64 0.03 2.11
N MET B 198 8.92 -0.94 2.97
CA MET B 198 7.86 -1.73 3.56
C MET B 198 6.93 -0.87 4.41
N LEU B 199 7.37 0.33 4.78
CA LEU B 199 6.51 1.22 5.56
C LEU B 199 5.52 1.98 4.69
N LEU B 200 5.71 1.96 3.38
CA LEU B 200 4.81 2.64 2.46
C LEU B 200 3.37 2.09 2.53
N SER B 201 3.23 0.83 2.90
CA SER B 201 1.91 0.21 3.03
C SER B 201 1.18 0.82 4.21
N HIS B 202 1.91 1.05 5.29
CA HIS B 202 1.37 1.63 6.51
C HIS B 202 0.97 3.08 6.32
N VAL B 203 1.79 3.82 5.57
CA VAL B 203 1.49 5.21 5.29
C VAL B 203 0.20 5.22 4.46
N ARG B 204 0.16 4.37 3.44
CA ARG B 204 -0.98 4.26 2.56
C ARG B 204 -2.24 3.84 3.29
N HIS B 205 -2.09 2.98 4.30
CA HIS B 205 -3.26 2.54 5.06
C HIS B 205 -3.87 3.74 5.78
N ALA B 206 -3.04 4.48 6.50
CA ALA B 206 -3.51 5.64 7.21
C ALA B 206 -4.13 6.65 6.25
N SER B 207 -3.55 6.85 5.07
CA SER B 207 -4.12 7.81 4.15
C SER B 207 -5.50 7.36 3.64
N ASN B 208 -5.70 6.05 3.49
CA ASN B 208 -6.99 5.52 3.03
C ASN B 208 -8.04 5.76 4.11
N LYS B 209 -7.66 5.57 5.37
CA LYS B 209 -8.59 5.78 6.47
C LYS B 209 -8.89 7.27 6.62
N GLY B 210 -7.86 8.12 6.52
CA GLY B 210 -8.08 9.55 6.64
C GLY B 210 -8.99 10.02 5.51
N MET B 211 -8.79 9.45 4.32
CA MET B 211 -9.55 9.75 3.12
C MET B 211 -11.03 9.32 3.25
N GLU B 212 -11.24 8.12 3.76
CA GLU B 212 -12.60 7.62 3.96
C GLU B 212 -13.26 8.50 5.02
N HIS B 213 -12.52 8.80 6.08
CA HIS B 213 -13.03 9.63 7.18
C HIS B 213 -13.42 11.00 6.66
N LEU B 214 -12.55 11.61 5.87
CA LEU B 214 -12.81 12.93 5.31
C LEU B 214 -14.01 12.97 4.37
N LEU B 215 -14.11 12.00 3.48
CA LEU B 215 -15.23 11.94 2.53
C LEU B 215 -16.53 11.86 3.30
N ASN B 216 -16.53 11.05 4.36
CA ASN B 216 -17.71 10.89 5.18
C ASN B 216 -18.05 12.14 5.98
N MET B 217 -17.01 12.85 6.45
CA MET B 217 -17.25 14.06 7.21
C MET B 217 -17.83 15.11 6.27
N LYS B 218 -17.55 14.95 4.97
CA LYS B 218 -18.08 15.87 3.98
C LYS B 218 -19.59 15.63 3.81
N CYS B 219 -19.96 14.39 3.49
CA CYS B 219 -21.36 14.02 3.29
C CYS B 219 -22.27 14.42 4.45
N LYS B 220 -21.71 14.48 5.65
CA LYS B 220 -22.46 14.86 6.84
C LYS B 220 -22.39 16.36 7.10
N ASN B 221 -21.70 17.07 6.20
CA ASN B 221 -21.52 18.51 6.31
C ASN B 221 -21.02 18.90 7.69
N VAL B 222 -20.29 17.98 8.33
CA VAL B 222 -19.71 18.19 9.66
C VAL B 222 -18.64 19.27 9.48
N VAL B 223 -18.34 19.56 8.23
CA VAL B 223 -17.34 20.55 7.86
C VAL B 223 -17.43 20.81 6.36
N PRO B 224 -17.07 22.03 5.93
CA PRO B 224 -17.08 22.47 4.53
C PRO B 224 -15.83 21.95 3.81
N VAL B 225 -16.03 21.24 2.71
CA VAL B 225 -14.91 20.70 1.96
C VAL B 225 -15.01 21.13 0.50
N TYR B 226 -14.31 22.21 0.17
CA TYR B 226 -14.34 22.72 -1.20
C TYR B 226 -12.98 23.20 -1.70
N ASP B 227 -13.04 23.95 -2.81
CA ASP B 227 -11.86 24.51 -3.46
C ASP B 227 -10.84 23.45 -3.84
N LEU B 228 -9.57 23.62 -3.48
CA LEU B 228 -8.58 22.63 -3.86
C LEU B 228 -8.90 21.28 -3.20
N LEU B 229 -9.10 21.30 -1.89
CA LEU B 229 -9.39 20.10 -1.13
C LEU B 229 -10.53 19.25 -1.68
N LEU B 230 -11.67 19.89 -1.93
CA LEU B 230 -12.82 19.16 -2.46
C LEU B 230 -12.47 18.47 -3.76
N GLU B 231 -11.99 19.26 -4.72
CA GLU B 231 -11.63 18.73 -6.02
C GLU B 231 -10.73 17.51 -5.90
N MET B 232 -9.70 17.63 -5.07
CA MET B 232 -8.75 16.53 -4.88
C MET B 232 -9.46 15.33 -4.27
N LEU B 233 -10.46 15.60 -3.44
CA LEU B 233 -11.20 14.55 -2.77
C LEU B 233 -11.98 13.66 -3.74
N ASN B 234 -12.67 14.26 -4.70
CA ASN B 234 -13.43 13.49 -5.68
C ASN B 234 -12.55 12.74 -6.67
N ALA B 235 -11.42 13.35 -7.02
CA ALA B 235 -10.48 12.76 -7.97
C ALA B 235 -11.07 12.72 -9.38
N HIS C 1 -15.56 -17.29 14.41
CA HIS C 1 -14.84 -18.49 14.95
C HIS C 1 -14.36 -19.41 13.82
N LYS C 2 -14.79 -19.16 12.59
CA LYS C 2 -14.36 -20.05 11.49
C LYS C 2 -12.84 -19.96 11.23
N LEU C 3 -12.32 -18.74 11.27
CA LEU C 3 -10.88 -18.54 11.08
C LEU C 3 -10.14 -19.21 12.26
N VAL C 4 -10.64 -18.96 13.47
CA VAL C 4 -10.03 -19.54 14.66
C VAL C 4 -10.10 -21.06 14.67
N GLN C 5 -11.20 -21.66 14.20
CA GLN C 5 -11.26 -23.12 14.17
C GLN C 5 -10.12 -23.67 13.31
N LEU C 6 -9.93 -23.08 12.13
CA LEU C 6 -8.90 -23.53 11.20
C LEU C 6 -7.49 -23.22 11.65
N LEU C 7 -7.32 -22.18 12.44
CA LEU C 7 -6.00 -21.84 12.96
C LEU C 7 -5.61 -22.77 14.11
N THR C 8 -6.59 -23.43 14.72
CA THR C 8 -6.27 -24.31 15.85
C THR C 8 -6.42 -25.82 15.59
N THR C 9 -6.77 -26.19 14.37
CA THR C 9 -6.93 -27.59 13.99
C THR C 9 -6.04 -27.88 12.78
N THR C 10 -5.81 -29.16 12.48
CA THR C 10 -4.99 -29.52 11.32
C THR C 10 -5.64 -30.63 10.48
N HIS D 1 -11.50 24.08 -12.97
CA HIS D 1 -10.70 23.12 -12.11
C HIS D 1 -9.37 23.72 -11.62
N LYS D 2 -9.26 23.79 -10.30
CA LYS D 2 -8.15 24.35 -9.55
C LYS D 2 -6.80 23.63 -9.72
N LEU D 3 -6.84 22.31 -9.66
CA LEU D 3 -5.65 21.50 -9.80
C LEU D 3 -4.92 21.80 -11.13
N VAL D 4 -5.67 21.82 -12.22
CA VAL D 4 -5.10 22.07 -13.54
C VAL D 4 -4.55 23.48 -13.64
N GLN D 5 -5.20 24.42 -12.97
CA GLN D 5 -4.74 25.82 -12.96
C GLN D 5 -3.38 25.92 -12.30
N LEU D 6 -3.24 25.31 -11.14
CA LEU D 6 -1.97 25.37 -10.40
C LEU D 6 -0.84 24.61 -11.09
N LEU D 7 -1.20 23.56 -11.81
CA LEU D 7 -0.20 22.77 -12.51
C LEU D 7 0.32 23.45 -13.77
N THR D 8 -0.55 24.16 -14.47
CA THR D 8 -0.16 24.78 -15.73
C THR D 8 -0.22 26.29 -15.86
N THR D 9 -1.06 26.93 -15.04
CA THR D 9 -1.23 28.37 -15.10
C THR D 9 -0.44 29.13 -14.05
N THR D 10 0.03 28.41 -13.04
CA THR D 10 0.78 29.04 -11.96
C THR D 10 2.29 28.81 -12.10
#